data_4GUC
#
_entry.id   4GUC
#
_cell.length_a   27.470
_cell.length_b   34.708
_cell.length_c   61.928
_cell.angle_alpha   81.33
_cell.angle_beta   79.45
_cell.angle_gamma   70.07
#
_symmetry.space_group_name_H-M   'P 1'
#
loop_
_entity.id
_entity.type
_entity.pdbx_description
1 polymer 'Protein BA_2500'
2 non-polymer GLYCEROL
3 non-polymer DI(HYDROXYETHYL)ETHER
4 non-polymer 'TRIETHYLENE GLYCOL'
5 water water
#
_entity_poly.entity_id   1
_entity_poly.type   'polypeptide(L)'
_entity_poly.pdbx_seq_one_letter_code
;SNAESRFLDTWRWQNYFLLHHNADFIEELAVGDLKHGDTFDVTIYTGGKDTGIVKIYQLSGNENDEINLHRYKTIYDSGL
KHNYGRFVTPITKAYNPGTYVAV(MSE)KLGENYYYGGSFKISK
;
_entity_poly.pdbx_strand_id   A,B
#
loop_
_chem_comp.id
_chem_comp.type
_chem_comp.name
_chem_comp.formula
GOL non-polymer GLYCEROL 'C3 H8 O3'
PEG non-polymer DI(HYDROXYETHYL)ETHER 'C4 H10 O3'
PGE non-polymer 'TRIETHYLENE GLYCOL' 'C6 H14 O4'
#
# COMPACT_ATOMS: atom_id res chain seq x y z
N ARG A 6 5.39 3.05 24.48
CA ARG A 6 5.78 1.70 25.02
C ARG A 6 5.42 0.53 24.09
N PHE A 7 5.09 0.89 22.86
CA PHE A 7 4.75 -0.09 21.85
C PHE A 7 5.96 -0.29 20.93
N LEU A 8 6.23 -1.54 20.62
CA LEU A 8 7.40 -1.91 19.83
C LEU A 8 7.20 -1.61 18.36
N ASP A 9 8.31 -1.48 17.61
CA ASP A 9 8.24 -1.19 16.19
C ASP A 9 9.39 -1.92 15.49
N THR A 10 9.20 -2.30 14.22
CA THR A 10 10.20 -3.06 13.47
C THR A 10 11.10 -2.31 12.49
N TRP A 11 10.81 -1.04 12.24
CA TRP A 11 11.58 -0.26 11.28
C TRP A 11 13.00 0.00 11.76
N ARG A 12 13.89 0.24 10.81
N ARG A 12 13.88 0.24 10.79
CA ARG A 12 15.30 0.40 11.16
CA ARG A 12 15.30 0.44 11.04
C ARG A 12 15.69 1.55 12.08
C ARG A 12 15.74 1.56 12.00
N TRP A 13 15.16 2.75 11.84
CA TRP A 13 15.51 3.92 12.64
C TRP A 13 14.41 4.28 13.64
N GLN A 14 14.72 4.16 14.92
N GLN A 14 14.76 4.07 14.91
CA GLN A 14 13.74 4.47 15.97
CA GLN A 14 13.88 4.28 16.07
C GLN A 14 14.20 5.62 16.85
C GLN A 14 14.30 5.51 16.90
N ASN A 15 15.20 6.34 16.36
CA ASN A 15 15.72 7.50 17.04
C ASN A 15 15.77 8.62 15.99
N TYR A 16 15.30 9.82 16.36
CA TYR A 16 15.25 10.93 15.40
C TYR A 16 16.63 11.29 14.85
N PHE A 17 17.66 11.37 15.70
CA PHE A 17 18.99 11.69 15.21
C PHE A 17 19.39 10.70 14.09
N LEU A 18 19.19 9.40 14.33
CA LEU A 18 19.58 8.41 13.34
C LEU A 18 18.75 8.50 12.08
N LEU A 19 17.46 8.74 12.25
CA LEU A 19 16.56 8.90 11.08
C LEU A 19 17.03 10.07 10.23
N HIS A 20 17.28 11.20 10.89
CA HIS A 20 17.69 12.40 10.21
C HIS A 20 19.05 12.28 9.57
N HIS A 21 19.88 11.37 10.05
CA HIS A 21 21.23 11.20 9.48
C HIS A 21 21.33 9.99 8.53
N ASN A 22 20.22 9.32 8.28
CA ASN A 22 20.23 8.14 7.37
C ASN A 22 19.12 8.10 6.33
N ALA A 23 17.91 8.43 6.71
CA ALA A 23 16.81 8.39 5.75
C ALA A 23 16.87 9.55 4.80
N ASP A 24 16.25 9.39 3.64
CA ASP A 24 16.22 10.47 2.67
C ASP A 24 15.05 11.39 2.90
N PHE A 25 15.33 12.68 2.98
CA PHE A 25 14.27 13.66 3.12
C PHE A 25 13.57 13.87 1.79
N ILE A 26 12.22 13.85 1.81
CA ILE A 26 11.42 14.11 0.62
C ILE A 26 10.34 15.15 0.94
N GLU A 27 10.25 16.17 0.11
CA GLU A 27 9.29 17.26 0.36
C GLU A 27 7.83 16.87 0.34
N GLU A 28 7.49 15.79 -0.36
CA GLU A 28 6.10 15.33 -0.41
C GLU A 28 5.63 14.87 0.97
N LEU A 29 6.56 14.50 1.86
CA LEU A 29 6.19 14.11 3.21
C LEU A 29 6.18 15.24 4.24
N ALA A 30 6.63 16.44 3.83
N ALA A 30 6.59 16.41 3.76
CA ALA A 30 6.73 17.62 4.74
CA ALA A 30 6.63 17.57 4.57
C ALA A 30 5.44 18.46 4.75
C ALA A 30 5.24 18.17 4.49
N VAL A 31 4.50 18.01 5.59
CA VAL A 31 3.16 18.55 5.73
C VAL A 31 3.02 19.84 6.53
N GLY A 32 4.04 20.14 7.31
CA GLY A 32 4.03 21.33 8.13
C GLY A 32 3.29 20.99 9.40
N ASP A 33 3.06 21.98 10.24
CA ASP A 33 2.36 21.77 11.50
C ASP A 33 0.89 21.51 11.27
N LEU A 34 0.32 20.62 12.06
CA LEU A 34 -1.10 20.25 11.94
C LEU A 34 -1.85 20.46 13.26
N LYS A 35 -3.16 20.63 13.17
CA LYS A 35 -4.03 20.80 14.33
C LYS A 35 -5.09 19.71 14.35
N HIS A 36 -5.60 19.39 15.53
CA HIS A 36 -6.68 18.40 15.61
C HIS A 36 -7.78 18.89 14.67
N GLY A 37 -8.29 17.98 13.83
CA GLY A 37 -9.34 18.31 12.87
C GLY A 37 -8.79 18.33 11.46
N ASP A 38 -7.48 18.51 11.34
CA ASP A 38 -6.83 18.51 10.03
C ASP A 38 -6.69 17.06 9.53
N THR A 39 -6.24 16.92 8.29
CA THR A 39 -6.06 15.61 7.71
C THR A 39 -4.68 15.54 7.09
N PHE A 40 -3.96 14.46 7.34
CA PHE A 40 -2.64 14.21 6.73
C PHE A 40 -3.01 13.57 5.39
N ASP A 41 -2.54 14.13 4.27
CA ASP A 41 -2.90 13.56 2.96
C ASP A 41 -1.80 13.90 1.99
N VAL A 42 -1.03 12.88 1.63
CA VAL A 42 0.10 13.02 0.72
C VAL A 42 0.10 12.03 -0.42
N THR A 43 0.65 12.42 -1.57
CA THR A 43 0.78 11.55 -2.76
C THR A 43 2.29 11.54 -3.08
N ILE A 44 2.87 10.35 -3.23
CA ILE A 44 4.30 10.18 -3.43
C ILE A 44 4.64 9.18 -4.50
N TYR A 45 5.61 9.47 -5.35
CA TYR A 45 6.07 8.50 -6.34
C TYR A 45 6.77 7.35 -5.62
N THR A 46 6.37 6.11 -5.85
CA THR A 46 6.96 4.95 -5.17
C THR A 46 7.61 3.90 -6.07
N GLY A 47 7.67 4.17 -7.36
CA GLY A 47 8.35 3.28 -8.26
C GLY A 47 7.60 2.08 -8.78
N GLY A 48 8.33 1.23 -9.51
CA GLY A 48 7.75 0.06 -10.15
C GLY A 48 8.05 -1.30 -9.62
N LYS A 49 8.48 -1.40 -8.37
CA LYS A 49 8.76 -2.73 -7.83
C LYS A 49 8.39 -2.97 -6.36
N ASP A 50 8.10 -1.90 -5.62
CA ASP A 50 7.70 -1.95 -4.21
C ASP A 50 6.56 -1.00 -3.95
N THR A 51 5.72 -1.31 -2.97
CA THR A 51 4.60 -0.47 -2.54
C THR A 51 4.99 0.13 -1.20
N GLY A 52 4.82 1.44 -1.00
CA GLY A 52 5.21 2.04 0.27
C GLY A 52 4.17 2.01 1.35
N ILE A 53 4.65 2.19 2.59
CA ILE A 53 3.83 2.27 3.80
C ILE A 53 4.37 3.49 4.55
N VAL A 54 3.47 4.28 5.12
CA VAL A 54 3.86 5.45 5.90
C VAL A 54 3.43 5.32 7.37
N LYS A 55 4.31 5.66 8.29
CA LYS A 55 3.99 5.68 9.69
C LYS A 55 4.20 7.09 10.23
N ILE A 56 3.35 7.49 11.17
CA ILE A 56 3.45 8.71 11.91
C ILE A 56 3.96 8.32 13.31
N TYR A 57 5.13 8.82 13.69
CA TYR A 57 5.71 8.60 14.99
C TYR A 57 5.75 9.88 15.80
N GLN A 58 5.60 9.77 17.12
CA GLN A 58 5.75 10.88 18.02
C GLN A 58 7.22 10.87 18.50
N LEU A 59 7.82 12.05 18.61
N LEU A 59 7.80 12.06 18.64
CA LEU A 59 9.19 12.18 19.09
CA LEU A 59 9.13 12.18 19.19
C LEU A 59 9.10 12.58 20.58
C LEU A 59 8.97 12.53 20.63
N SER A 60 9.53 11.70 21.48
CA SER A 60 9.46 11.99 22.90
C SER A 60 10.36 11.05 23.65
N GLY A 61 10.79 11.49 24.81
CA GLY A 61 11.67 10.69 25.63
C GLY A 61 12.87 11.50 26.08
N ASN A 62 13.68 10.85 26.89
CA ASN A 62 14.86 11.46 27.42
C ASN A 62 15.95 11.42 26.37
N GLU A 63 16.84 12.41 26.40
CA GLU A 63 17.98 12.48 25.49
C GLU A 63 18.92 11.26 25.56
N ASN A 64 18.84 10.49 26.63
CA ASN A 64 19.69 9.31 26.77
C ASN A 64 19.08 8.04 26.20
N ASP A 65 17.79 8.10 25.89
CA ASP A 65 17.08 6.92 25.37
C ASP A 65 17.50 6.56 23.95
N GLU A 66 17.78 5.28 23.69
CA GLU A 66 18.13 4.82 22.34
C GLU A 66 16.91 4.96 21.42
N ILE A 67 15.73 4.76 21.95
CA ILE A 67 14.46 4.85 21.20
C ILE A 67 13.66 6.06 21.63
N ASN A 68 13.48 7.00 20.70
CA ASN A 68 12.69 8.21 20.99
C ASN A 68 11.58 8.48 19.97
N LEU A 69 11.33 7.50 19.09
CA LEU A 69 10.24 7.56 18.08
C LEU A 69 9.19 6.52 18.51
N HIS A 70 7.92 6.91 18.65
CA HIS A 70 6.86 6.02 19.11
C HIS A 70 5.76 6.02 18.08
N ARG A 71 5.45 4.86 17.53
CA ARG A 71 4.45 4.76 16.48
C ARG A 71 3.04 5.11 16.91
N TYR A 72 2.42 6.06 16.23
CA TYR A 72 1.02 6.46 16.47
C TYR A 72 0.08 5.94 15.39
N LYS A 73 0.57 5.77 14.17
CA LYS A 73 -0.31 5.30 13.10
C LYS A 73 0.47 4.68 11.97
N THR A 74 -0.09 3.64 11.35
CA THR A 74 0.47 2.97 10.16
C THR A 74 -0.56 3.26 9.08
N ILE A 75 -0.13 3.81 7.96
CA ILE A 75 -1.01 4.21 6.87
C ILE A 75 -0.65 3.48 5.58
N TYR A 76 -1.62 2.79 5.00
CA TYR A 76 -1.43 2.10 3.71
C TYR A 76 -1.84 2.97 2.55
N ASP A 77 -1.31 2.65 1.37
CA ASP A 77 -1.63 3.36 0.14
C ASP A 77 -3.09 3.11 -0.20
N SER A 78 -3.89 4.17 -0.28
CA SER A 78 -5.32 4.10 -0.60
C SER A 78 -5.67 4.74 -1.95
N GLY A 79 -4.66 4.99 -2.77
CA GLY A 79 -4.87 5.59 -4.08
C GLY A 79 -4.97 4.54 -5.16
N LEU A 80 -5.27 4.96 -6.39
CA LEU A 80 -5.35 4.05 -7.53
C LEU A 80 -4.33 4.42 -8.61
N LYS A 81 -3.43 5.34 -8.28
CA LYS A 81 -2.46 5.86 -9.26
C LYS A 81 -1.24 4.96 -9.42
N HIS A 82 -1.03 4.56 -10.65
CA HIS A 82 0.09 3.66 -11.01
C HIS A 82 1.45 4.17 -10.55
N ASN A 83 2.17 3.35 -9.79
CA ASN A 83 3.51 3.63 -9.30
C ASN A 83 3.62 4.79 -8.29
N TYR A 84 2.46 5.21 -7.77
CA TYR A 84 2.42 6.24 -6.75
C TYR A 84 1.61 5.70 -5.58
N GLY A 85 1.79 6.32 -4.42
CA GLY A 85 1.03 5.97 -3.23
C GLY A 85 0.33 7.20 -2.67
N ARG A 86 -0.89 7.02 -2.14
CA ARG A 86 -1.63 8.11 -1.50
C ARG A 86 -1.82 7.64 -0.06
N PHE A 87 -1.41 8.48 0.91
CA PHE A 87 -1.46 8.16 2.35
C PHE A 87 -2.30 9.22 3.05
N VAL A 88 -3.44 8.80 3.58
CA VAL A 88 -4.40 9.70 4.19
C VAL A 88 -4.85 9.27 5.57
N THR A 89 -4.80 10.16 6.55
CA THR A 89 -5.31 9.77 7.87
C THR A 89 -5.74 11.05 8.62
N PRO A 90 -6.86 10.99 9.39
CA PRO A 90 -7.29 12.18 10.13
C PRO A 90 -6.46 12.46 11.37
N ILE A 91 -6.21 13.74 11.65
CA ILE A 91 -5.50 14.12 12.86
C ILE A 91 -6.58 14.31 13.96
N THR A 92 -6.74 13.26 14.76
CA THR A 92 -7.71 13.24 15.84
C THR A 92 -7.04 13.61 17.17
N LYS A 93 -7.82 13.67 18.23
CA LYS A 93 -7.27 13.98 19.55
C LYS A 93 -6.38 12.89 20.12
N ALA A 94 -6.42 11.70 19.52
CA ALA A 94 -5.56 10.60 19.94
C ALA A 94 -4.08 11.01 19.78
N TYR A 95 -3.81 11.99 18.90
CA TYR A 95 -2.47 12.51 18.71
C TYR A 95 -2.27 13.66 19.72
N ASN A 96 -1.69 13.32 20.87
N ASN A 96 -1.86 13.33 20.94
CA ASN A 96 -1.41 14.28 21.93
CA ASN A 96 -1.68 14.40 21.92
C ASN A 96 -0.55 15.44 21.42
C ASN A 96 -0.71 15.44 21.39
N PRO A 97 -0.89 16.69 21.79
CA PRO A 97 -0.02 17.75 21.31
C PRO A 97 1.49 17.45 21.53
N GLY A 98 2.28 17.63 20.50
CA GLY A 98 3.71 17.38 20.59
C GLY A 98 4.36 17.41 19.23
N THR A 99 5.53 16.79 19.13
CA THR A 99 6.33 16.75 17.91
C THR A 99 6.24 15.36 17.31
N TYR A 100 6.05 15.31 15.99
CA TYR A 100 5.87 14.07 15.21
C TYR A 100 6.68 14.05 13.95
N VAL A 101 6.74 12.88 13.30
CA VAL A 101 7.46 12.76 12.03
C VAL A 101 6.82 11.67 11.21
N ALA A 102 6.71 11.89 9.90
CA ALA A 102 6.16 10.90 8.98
C ALA A 102 7.33 10.23 8.28
N VAL A 103 7.31 8.90 8.27
CA VAL A 103 8.35 8.08 7.68
C VAL A 103 7.75 7.09 6.70
N MSE A 104 8.36 6.93 5.54
CA MSE A 104 7.94 5.96 4.55
C MSE A 104 8.98 4.88 4.36
O MSE A 104 10.18 5.18 4.22
CB MSE A 104 7.63 6.60 3.20
CG MSE A 104 7.07 5.61 2.16
SE MSE A 104 6.57 6.30 0.45
CE MSE A 104 8.32 6.72 -0.20
N LYS A 105 8.54 3.62 4.41
CA LYS A 105 9.41 2.48 4.12
C LYS A 105 9.02 2.06 2.70
N LEU A 106 10.02 1.90 1.82
CA LEU A 106 9.77 1.50 0.42
C LEU A 106 10.87 0.50 0.14
N GLY A 107 10.53 -0.77 0.13
CA GLY A 107 11.58 -1.79 -0.04
C GLY A 107 12.49 -1.72 1.18
N GLU A 108 13.81 -1.71 0.95
CA GLU A 108 14.78 -1.64 2.04
C GLU A 108 15.15 -0.20 2.40
N ASN A 109 14.55 0.79 1.74
CA ASN A 109 14.89 2.18 1.94
C ASN A 109 13.87 2.96 2.75
N TYR A 110 14.33 4.02 3.38
CA TYR A 110 13.50 4.88 4.20
C TYR A 110 13.57 6.33 3.79
N TYR A 111 12.42 6.99 3.92
CA TYR A 111 12.20 8.41 3.58
C TYR A 111 11.47 9.11 4.70
N TYR A 112 11.65 10.42 4.87
CA TYR A 112 10.94 11.12 5.92
C TYR A 112 10.67 12.55 5.51
N GLY A 113 9.77 13.22 6.22
CA GLY A 113 9.39 14.59 5.91
C GLY A 113 9.82 15.64 6.94
N GLY A 114 10.72 15.22 7.84
CA GLY A 114 11.20 16.07 8.92
C GLY A 114 10.14 16.20 10.02
N SER A 115 10.56 16.56 11.22
CA SER A 115 9.60 16.73 12.29
C SER A 115 8.60 17.88 12.08
N PHE A 116 7.45 17.80 12.75
CA PHE A 116 6.40 18.82 12.69
C PHE A 116 5.61 18.75 13.98
N LYS A 117 4.85 19.80 14.29
CA LYS A 117 4.05 19.81 15.49
C LYS A 117 2.57 19.49 15.24
N ILE A 118 1.96 18.84 16.22
CA ILE A 118 0.51 18.59 16.22
C ILE A 118 0.06 19.37 17.47
N SER A 119 -0.92 20.25 17.30
N SER A 119 -0.91 20.26 17.29
CA SER A 119 -1.45 21.07 18.40
CA SER A 119 -1.44 21.09 18.37
C SER A 119 -2.94 20.93 18.52
C SER A 119 -2.95 20.95 18.52
N LYS A 120 -3.49 21.40 19.64
CA LYS A 120 -4.94 21.34 19.86
C LYS A 120 -5.64 22.28 18.89
N ARG B 6 -12.04 2.48 -19.50
CA ARG B 6 -11.25 3.01 -20.66
C ARG B 6 -9.74 2.76 -20.57
N PHE B 7 -9.23 2.44 -19.38
CA PHE B 7 -7.79 2.16 -19.21
C PHE B 7 -7.30 1.00 -20.10
N LEU B 8 -6.16 1.18 -20.79
CA LEU B 8 -5.56 0.12 -21.65
C LEU B 8 -4.61 -0.69 -20.77
N ASP B 9 -4.12 -1.89 -21.19
CA ASP B 9 -3.23 -2.72 -20.30
C ASP B 9 -2.19 -3.53 -21.09
N THR B 10 -1.03 -3.83 -20.49
CA THR B 10 0.04 -4.56 -21.20
C THR B 10 0.14 -6.08 -20.98
N TRP B 11 -0.66 -6.66 -20.10
CA TRP B 11 -0.56 -8.11 -19.85
C TRP B 11 -1.25 -8.94 -20.94
N ARG B 12 -0.95 -10.22 -20.98
CA ARG B 12 -1.40 -11.09 -22.06
C ARG B 12 -2.88 -11.34 -22.16
N TRP B 13 -3.50 -11.63 -21.03
CA TRP B 13 -4.93 -11.99 -21.04
C TRP B 13 -5.84 -10.85 -20.59
N GLN B 14 -6.65 -10.35 -21.52
N GLN B 14 -6.73 -10.38 -21.46
CA GLN B 14 -7.57 -9.23 -21.31
CA GLN B 14 -7.59 -9.28 -21.04
C GLN B 14 -9.06 -9.61 -21.36
C GLN B 14 -9.08 -9.61 -21.21
N ASN B 15 -9.34 -10.91 -21.29
CA ASN B 15 -10.68 -11.45 -21.36
C ASN B 15 -10.73 -12.53 -20.30
N TYR B 16 -11.77 -12.52 -19.47
CA TYR B 16 -11.89 -13.49 -18.39
C TYR B 16 -11.93 -14.92 -18.88
N PHE B 17 -12.65 -15.23 -19.94
CA PHE B 17 -12.66 -16.59 -20.42
C PHE B 17 -11.24 -17.07 -20.72
N LEU B 18 -10.47 -16.26 -21.45
CA LEU B 18 -9.09 -16.66 -21.79
C LEU B 18 -8.19 -16.75 -20.56
N LEU B 19 -8.35 -15.83 -19.62
CA LEU B 19 -7.58 -15.88 -18.39
C LEU B 19 -7.88 -17.21 -17.65
N HIS B 20 -9.18 -17.53 -17.51
CA HIS B 20 -9.66 -18.72 -16.81
C HIS B 20 -9.20 -20.01 -17.46
N HIS B 21 -8.97 -19.99 -18.76
CA HIS B 21 -8.52 -21.19 -19.51
C HIS B 21 -7.01 -21.25 -19.80
N ASN B 22 -6.24 -20.23 -19.42
CA ASN B 22 -4.77 -20.21 -19.65
C ASN B 22 -3.86 -19.93 -18.44
N ALA B 23 -4.28 -19.05 -17.57
CA ALA B 23 -3.50 -18.73 -16.37
C ALA B 23 -3.65 -19.85 -15.33
N ASP B 24 -2.70 -19.95 -14.42
N ASP B 24 -2.70 -19.93 -14.40
CA ASP B 24 -2.76 -20.96 -13.37
CA ASP B 24 -2.73 -20.96 -13.37
C ASP B 24 -3.56 -20.46 -12.16
C ASP B 24 -3.47 -20.53 -12.10
N PHE B 25 -4.60 -21.18 -11.79
CA PHE B 25 -5.36 -20.85 -10.61
C PHE B 25 -4.55 -21.20 -9.37
N ILE B 26 -4.47 -20.27 -8.41
CA ILE B 26 -3.79 -20.49 -7.14
C ILE B 26 -4.70 -20.00 -6.00
N GLU B 27 -4.82 -20.81 -4.97
N GLU B 27 -4.83 -20.82 -4.97
CA GLU B 27 -5.68 -20.50 -3.84
CA GLU B 27 -5.68 -20.47 -3.84
C GLU B 27 -5.20 -19.25 -3.08
C GLU B 27 -5.20 -19.21 -3.12
N GLU B 28 -3.90 -18.94 -3.20
CA GLU B 28 -3.31 -17.73 -2.56
C GLU B 28 -3.94 -16.40 -3.09
N LEU B 29 -4.53 -16.42 -4.28
CA LEU B 29 -5.22 -15.25 -4.84
C LEU B 29 -6.75 -15.29 -4.77
N ALA B 30 -7.32 -16.37 -4.23
CA ALA B 30 -8.76 -16.57 -4.16
C ALA B 30 -9.36 -15.92 -2.92
N VAL B 31 -9.36 -14.60 -2.94
CA VAL B 31 -9.85 -13.80 -1.80
C VAL B 31 -11.35 -13.87 -1.49
N GLY B 32 -12.18 -14.18 -2.48
CA GLY B 32 -13.62 -14.24 -2.28
C GLY B 32 -14.23 -12.86 -2.25
N ASP B 33 -15.56 -12.80 -2.04
CA ASP B 33 -16.26 -11.50 -2.03
C ASP B 33 -15.77 -10.55 -0.95
N LEU B 34 -15.69 -9.27 -1.29
CA LEU B 34 -15.22 -8.21 -0.37
C LEU B 34 -16.20 -7.06 -0.33
N LYS B 35 -16.11 -6.26 0.74
N LYS B 35 -16.14 -6.27 0.76
CA LYS B 35 -16.97 -5.11 0.91
CA LYS B 35 -17.00 -5.10 0.95
C LYS B 35 -16.12 -3.87 1.09
C LYS B 35 -16.13 -3.87 1.13
N HIS B 36 -16.68 -2.71 0.78
CA HIS B 36 -15.96 -1.47 0.98
C HIS B 36 -15.57 -1.48 2.47
N GLY B 37 -14.31 -1.17 2.77
CA GLY B 37 -13.81 -1.17 4.14
C GLY B 37 -12.94 -2.37 4.47
N ASP B 38 -13.00 -3.40 3.64
CA ASP B 38 -12.16 -4.59 3.82
C ASP B 38 -10.75 -4.31 3.27
N THR B 39 -9.84 -5.22 3.53
CA THR B 39 -8.49 -5.10 3.05
C THR B 39 -8.15 -6.31 2.20
N PHE B 40 -7.66 -6.05 0.97
CA PHE B 40 -7.19 -7.10 0.04
C PHE B 40 -5.74 -7.38 0.54
N ASP B 41 -5.45 -8.61 0.91
CA ASP B 41 -4.13 -8.94 1.47
C ASP B 41 -3.80 -10.36 1.09
N VAL B 42 -2.80 -10.53 0.21
CA VAL B 42 -2.37 -11.86 -0.23
C VAL B 42 -0.85 -11.96 -0.16
N THR B 43 -0.35 -13.17 0.13
CA THR B 43 1.10 -13.47 0.23
C THR B 43 1.39 -14.64 -0.69
N ILE B 44 2.33 -14.47 -1.61
CA ILE B 44 2.64 -15.47 -2.63
C ILE B 44 4.14 -15.66 -2.82
N TYR B 45 4.58 -16.90 -2.95
CA TYR B 45 6.00 -17.19 -3.20
C TYR B 45 6.39 -16.65 -4.57
N THR B 46 7.51 -15.93 -4.61
CA THR B 46 8.04 -15.35 -5.83
C THR B 46 9.44 -15.87 -6.14
N GLY B 47 10.16 -16.29 -5.11
CA GLY B 47 11.53 -16.80 -5.29
C GLY B 47 12.61 -15.75 -5.41
N GLY B 48 12.26 -14.50 -5.19
CA GLY B 48 13.22 -13.40 -5.29
C GLY B 48 12.58 -12.13 -4.79
N LYS B 49 13.39 -11.20 -4.29
CA LYS B 49 12.82 -9.95 -3.77
C LYS B 49 12.27 -9.11 -4.94
N ASP B 50 11.00 -8.70 -4.80
CA ASP B 50 10.27 -7.85 -5.76
C ASP B 50 10.12 -8.32 -7.18
N THR B 51 10.00 -9.61 -7.39
CA THR B 51 9.87 -10.10 -8.75
C THR B 51 8.42 -10.26 -9.21
N GLY B 52 7.46 -10.19 -8.29
CA GLY B 52 6.04 -10.34 -8.67
C GLY B 52 5.22 -9.06 -8.65
N ILE B 53 4.11 -9.09 -9.41
CA ILE B 53 3.19 -7.96 -9.51
C ILE B 53 1.77 -8.50 -9.48
N VAL B 54 0.88 -7.87 -8.71
CA VAL B 54 -0.53 -8.26 -8.67
C VAL B 54 -1.39 -7.13 -9.16
N LYS B 55 -2.23 -7.42 -10.13
CA LYS B 55 -3.20 -6.45 -10.62
C LYS B 55 -4.63 -6.93 -10.25
N ILE B 56 -5.46 -5.98 -9.88
CA ILE B 56 -6.89 -6.20 -9.67
C ILE B 56 -7.58 -5.58 -10.90
N TYR B 57 -8.36 -6.39 -11.61
CA TYR B 57 -9.13 -6.00 -12.77
C TYR B 57 -10.61 -6.13 -12.48
N GLN B 58 -11.38 -5.19 -13.03
CA GLN B 58 -12.79 -5.24 -12.97
C GLN B 58 -13.27 -5.99 -14.25
N LEU B 59 -14.26 -6.86 -14.10
N LEU B 59 -14.26 -6.89 -14.11
CA LEU B 59 -14.82 -7.60 -15.21
CA LEU B 59 -14.85 -7.60 -15.27
C LEU B 59 -16.08 -6.84 -15.64
C LEU B 59 -16.11 -6.91 -15.67
N SER B 60 -16.11 -6.38 -16.88
CA SER B 60 -17.28 -5.70 -17.36
C SER B 60 -17.22 -5.55 -18.85
N GLY B 61 -18.41 -5.49 -19.44
CA GLY B 61 -18.54 -5.34 -20.87
C GLY B 61 -19.46 -6.35 -21.49
N ASN B 62 -19.82 -6.09 -22.73
CA ASN B 62 -20.72 -6.94 -23.46
C ASN B 62 -20.05 -8.29 -23.77
N GLU B 63 -20.86 -9.34 -23.83
CA GLU B 63 -20.41 -10.69 -24.18
C GLU B 63 -19.69 -10.76 -25.54
N ASN B 64 -19.94 -9.77 -26.41
CA ASN B 64 -19.28 -9.76 -27.70
C ASN B 64 -17.92 -9.08 -27.70
N ASP B 65 -17.58 -8.39 -26.61
CA ASP B 65 -16.30 -7.67 -26.54
C ASP B 65 -15.10 -8.56 -26.36
N GLU B 66 -14.03 -8.32 -27.12
CA GLU B 66 -12.81 -9.10 -27.01
C GLU B 66 -12.14 -8.85 -25.66
N ILE B 67 -12.25 -7.62 -25.16
CA ILE B 67 -11.67 -7.19 -23.87
C ILE B 67 -12.75 -6.96 -22.86
N ASN B 68 -12.70 -7.69 -21.75
CA ASN B 68 -13.68 -7.50 -20.71
C ASN B 68 -13.03 -7.36 -19.32
N LEU B 69 -11.70 -7.23 -19.27
CA LEU B 69 -10.95 -7.01 -18.02
C LEU B 69 -10.41 -5.59 -18.09
N HIS B 70 -10.62 -4.82 -17.03
CA HIS B 70 -10.21 -3.40 -16.98
C HIS B 70 -9.35 -3.18 -15.73
N ARG B 71 -8.07 -2.84 -15.94
CA ARG B 71 -7.16 -2.65 -14.82
C ARG B 71 -7.66 -1.61 -13.82
N TYR B 72 -7.71 -1.96 -12.55
CA TYR B 72 -8.19 -1.05 -11.54
C TYR B 72 -7.03 -0.62 -10.60
N LYS B 73 -6.16 -1.58 -10.26
CA LYS B 73 -5.07 -1.34 -9.32
C LYS B 73 -3.88 -2.24 -9.59
N THR B 74 -2.67 -1.71 -9.53
CA THR B 74 -1.42 -2.48 -9.64
C THR B 74 -0.78 -2.41 -8.26
N ILE B 75 -0.46 -3.58 -7.72
CA ILE B 75 0.12 -3.69 -6.39
C ILE B 75 1.47 -4.39 -6.43
N TYR B 76 2.43 -3.89 -5.65
CA TYR B 76 3.75 -4.48 -5.54
C TYR B 76 3.94 -4.92 -4.09
N ASP B 77 5.00 -5.64 -3.83
CA ASP B 77 5.31 -6.12 -2.48
C ASP B 77 5.50 -5.00 -1.47
N SER B 78 4.96 -5.16 -0.25
CA SER B 78 5.15 -4.24 0.85
C SER B 78 5.55 -5.04 2.11
N GLY B 79 5.86 -6.33 1.94
CA GLY B 79 6.26 -7.22 3.04
C GLY B 79 7.73 -7.17 3.39
N LEU B 80 8.12 -8.04 4.31
CA LEU B 80 9.47 -8.10 4.83
C LEU B 80 10.27 -9.39 4.49
N LYS B 81 9.77 -10.26 3.61
CA LYS B 81 10.45 -11.54 3.27
C LYS B 81 11.05 -11.55 1.88
N HIS B 82 12.22 -12.18 1.70
CA HIS B 82 12.84 -12.19 0.38
C HIS B 82 12.13 -12.96 -0.72
N ASN B 83 11.85 -14.21 -0.45
CA ASN B 83 11.23 -15.07 -1.44
C ASN B 83 9.73 -15.00 -1.61
N TYR B 84 9.07 -14.07 -0.91
CA TYR B 84 7.61 -13.89 -0.99
C TYR B 84 7.23 -12.45 -1.22
N GLY B 85 6.09 -12.24 -1.84
CA GLY B 85 5.56 -10.91 -2.07
C GLY B 85 4.27 -10.82 -1.26
N ARG B 86 4.08 -9.71 -0.55
CA ARG B 86 2.84 -9.44 0.23
C ARG B 86 2.20 -8.25 -0.51
N PHE B 87 1.00 -8.47 -1.03
CA PHE B 87 0.27 -7.48 -1.86
C PHE B 87 -0.97 -7.08 -1.06
N VAL B 88 -0.95 -5.85 -0.56
CA VAL B 88 -1.99 -5.33 0.31
C VAL B 88 -2.56 -4.04 -0.19
N THR B 89 -3.89 -3.91 -0.17
CA THR B 89 -4.50 -2.64 -0.60
C THR B 89 -5.92 -2.58 0.03
N PRO B 90 -6.33 -1.39 0.47
CA PRO B 90 -7.67 -1.30 1.04
C PRO B 90 -8.70 -1.29 -0.06
N ILE B 91 -9.85 -1.87 0.21
CA ILE B 91 -10.96 -1.86 -0.74
C ILE B 91 -11.75 -0.62 -0.32
N THR B 92 -11.44 0.49 -0.99
CA THR B 92 -12.06 1.79 -0.74
C THR B 92 -13.36 1.93 -1.53
N LYS B 93 -14.07 3.01 -1.23
CA LYS B 93 -15.32 3.32 -1.95
C LYS B 93 -15.10 3.67 -3.43
N ALA B 94 -13.85 3.78 -3.85
CA ALA B 94 -13.53 4.05 -5.25
C ALA B 94 -13.75 2.79 -6.11
N TYR B 95 -13.84 1.62 -5.47
CA TYR B 95 -14.07 0.36 -6.18
C TYR B 95 -15.57 0.26 -6.39
N ASN B 96 -16.00 0.53 -7.60
CA ASN B 96 -17.41 0.46 -7.96
C ASN B 96 -17.94 -0.95 -7.73
N PRO B 97 -19.11 -1.08 -7.11
CA PRO B 97 -19.57 -2.44 -6.93
C PRO B 97 -19.63 -3.23 -8.25
N GLY B 98 -19.18 -4.48 -8.20
CA GLY B 98 -19.16 -5.31 -9.39
C GLY B 98 -18.31 -6.56 -9.19
N THR B 99 -17.89 -7.14 -10.31
CA THR B 99 -17.09 -8.36 -10.33
C THR B 99 -15.66 -8.02 -10.71
N TYR B 100 -14.74 -8.60 -9.96
CA TYR B 100 -13.28 -8.37 -10.11
C TYR B 100 -12.46 -9.67 -10.08
N VAL B 101 -11.19 -9.57 -10.45
CA VAL B 101 -10.29 -10.72 -10.39
C VAL B 101 -8.86 -10.20 -10.11
N ALA B 102 -8.08 -10.97 -9.34
CA ALA B 102 -6.71 -10.67 -9.02
C ALA B 102 -5.82 -11.61 -9.86
N VAL B 103 -4.84 -11.00 -10.53
CA VAL B 103 -3.90 -11.69 -11.40
C VAL B 103 -2.48 -11.36 -11.01
N MSE B 104 -1.62 -12.38 -10.86
CA MSE B 104 -0.22 -12.15 -10.59
C MSE B 104 0.63 -12.49 -11.81
O MSE B 104 0.42 -13.54 -12.45
CB MSE B 104 0.32 -12.96 -9.40
CG MSE B 104 1.81 -12.63 -9.09
SE MSE B 104 2.65 -13.57 -7.63
CE MSE B 104 2.52 -15.24 -8.45
N LYS B 105 1.56 -11.62 -12.15
CA LYS B 105 2.50 -11.88 -13.23
C LYS B 105 3.87 -12.11 -12.54
N LEU B 106 4.50 -13.25 -12.82
CA LEU B 106 5.81 -13.61 -12.25
C LEU B 106 6.62 -14.11 -13.46
N GLY B 107 7.52 -13.24 -13.92
CA GLY B 107 8.31 -13.55 -15.09
C GLY B 107 7.34 -13.59 -16.24
N GLU B 108 7.36 -14.68 -17.00
CA GLU B 108 6.45 -14.82 -18.15
C GLU B 108 5.15 -15.59 -17.82
N ASN B 109 5.01 -16.01 -16.58
CA ASN B 109 3.84 -16.78 -16.17
C ASN B 109 2.78 -15.96 -15.45
N TYR B 110 1.54 -16.37 -15.64
CA TYR B 110 0.42 -15.72 -15.02
C TYR B 110 -0.36 -16.67 -14.10
N TYR B 111 -0.84 -16.11 -12.99
CA TYR B 111 -1.60 -16.82 -11.99
C TYR B 111 -2.83 -15.98 -11.65
N TYR B 112 -3.94 -16.58 -11.24
CA TYR B 112 -5.13 -15.85 -10.91
C TYR B 112 -5.89 -16.55 -9.78
N GLY B 113 -6.82 -15.86 -9.13
CA GLY B 113 -7.55 -16.43 -8.02
C GLY B 113 -9.02 -16.63 -8.21
N GLY B 114 -9.45 -16.53 -9.45
CA GLY B 114 -10.87 -16.62 -9.79
C GLY B 114 -11.58 -15.30 -9.45
N SER B 115 -12.67 -15.03 -10.14
CA SER B 115 -13.42 -13.83 -9.89
C SER B 115 -14.10 -13.78 -8.50
N PHE B 116 -14.37 -12.58 -8.07
CA PHE B 116 -14.99 -12.28 -6.78
C PHE B 116 -15.77 -10.98 -6.91
N LYS B 117 -16.72 -10.75 -6.02
CA LYS B 117 -17.49 -9.52 -6.07
C LYS B 117 -17.06 -8.51 -5.04
N ILE B 118 -17.23 -7.22 -5.35
CA ILE B 118 -17.01 -6.12 -4.41
C ILE B 118 -18.37 -5.44 -4.23
N SER B 119 -18.83 -5.28 -2.99
CA SER B 119 -20.13 -4.60 -2.73
C SER B 119 -19.94 -3.38 -1.83
N LYS B 120 -20.91 -2.47 -1.80
CA LYS B 120 -20.87 -1.27 -0.95
C LYS B 120 -21.00 -1.66 0.51
C1 GOL C . 10.06 9.57 -4.63
O1 GOL C . 9.32 10.71 -4.24
C2 GOL C . 10.55 8.83 -3.40
O2 GOL C . 11.86 9.29 -3.10
C3 GOL C . 10.59 7.31 -3.58
O3 GOL C . 10.97 6.96 -4.90
C1 PEG D . -16.18 -13.84 -22.13
O1 PEG D . -16.01 -12.85 -23.17
C2 PEG D . -15.20 -13.73 -20.95
O2 PEG D . -15.82 -13.15 -19.81
C3 PEG D . -16.41 -13.99 -18.81
C4 PEG D . -16.94 -15.35 -19.30
O4 PEG D . -16.04 -16.42 -18.96
C1 PEG E . -7.42 -2.92 -22.71
O1 PEG E . -6.09 -2.73 -23.22
C2 PEG E . -8.39 -1.85 -23.18
O2 PEG E . -9.26 -1.50 -22.11
C3 PEG E . -10.55 -1.12 -22.57
C4 PEG E . -11.36 -2.38 -22.85
O4 PEG E . -12.73 -2.07 -23.10
C1 PGE F . -10.31 -23.68 -16.01
C1 PGE F . -8.21 -25.56 -11.01
O1 PGE F . -11.21 -23.81 -17.11
O1 PGE F . -7.43 -25.56 -12.22
C2 PGE F . -10.35 -24.94 -15.17
C2 PGE F . -9.24 -24.43 -11.05
O2 PGE F . -10.16 -24.57 -13.80
O2 PGE F . -10.55 -24.96 -10.84
C3 PGE F . -10.72 -25.56 -12.93
C3 PGE F . -10.87 -25.93 -11.83
C4 PGE F . -11.96 -24.99 -12.27
C4 PGE F . -12.35 -25.88 -12.19
O4 PGE F . -15.97 -22.90 -12.03
O4 PGE F . -15.85 -23.15 -11.96
C6 PGE F . -14.79 -22.93 -12.87
C6 PGE F . -14.67 -23.00 -12.75
C5 PGE F . -14.11 -24.29 -12.79
C5 PGE F . -13.95 -24.35 -12.96
O3 PGE F . -12.75 -24.25 -13.20
O3 PGE F . -12.88 -24.55 -12.05
#